data_9J54
#
_entry.id   9J54
#
_cell.length_a   58.701
_cell.length_b   34.894
_cell.length_c   60.727
_cell.angle_alpha   90.000
_cell.angle_beta   118.377
_cell.angle_gamma   90.000
#
_symmetry.space_group_name_H-M   'P 1 21 1'
#
loop_
_entity.id
_entity.type
_entity.pdbx_description
1 polymer 'RB1-inducible coiled-coil protein 1'
2 polymer 'Autophagy-related protein 16-1'
3 water water
#
loop_
_entity_poly.entity_id
_entity_poly.type
_entity_poly.pdbx_seq_one_letter_code
_entity_poly.pdbx_strand_id
1 'polypeptide(L)'
;GPGSEFSRHSEKIAIRDFQVGDLVLIILDERHDNYVLFTVSPTLYFLHSESLPALDLKPGEGASGASRRPWVLGKVMEKE
YCQAKKAQNRFKVPLGTKFYRVKAVSWNKKV
;
A,C
2 'polypeptide(L)' GPGSEQDDDIEVIVDET B,D
#
# COMPACT_ATOMS: atom_id res chain seq x y z
N GLY A 3 11.45 -15.44 11.77
CA GLY A 3 10.15 -15.34 12.50
C GLY A 3 9.23 -16.52 12.24
N SER A 4 8.21 -16.66 13.09
CA SER A 4 7.31 -17.78 13.02
C SER A 4 6.55 -17.79 11.69
N GLU A 5 5.92 -18.94 11.39
CA GLU A 5 5.14 -19.09 10.15
C GLU A 5 3.89 -18.24 10.18
N PHE A 6 3.12 -18.32 11.27
CA PHE A 6 1.93 -17.48 11.39
C PHE A 6 2.29 -16.02 11.15
N SER A 7 3.25 -15.51 11.92
CA SER A 7 3.65 -14.12 11.80
C SER A 7 4.07 -13.78 10.37
N ARG A 8 4.84 -14.67 9.73
CA ARG A 8 5.23 -14.42 8.34
C ARG A 8 4.00 -14.25 7.45
N HIS A 9 2.90 -14.94 7.77
CA HIS A 9 1.68 -14.84 6.96
C HIS A 9 0.95 -13.53 7.26
N SER A 10 0.90 -13.13 8.54
CA SER A 10 0.15 -11.96 8.99
C SER A 10 0.94 -10.65 8.85
N GLU A 11 1.87 -10.60 7.90
CA GLU A 11 2.72 -9.44 7.82
C GLU A 11 1.95 -8.25 7.24
N LYS A 12 2.40 -7.06 7.59
CA LYS A 12 1.81 -5.80 7.15
C LYS A 12 2.83 -5.01 6.33
N ILE A 13 2.34 -4.05 5.55
CA ILE A 13 3.18 -3.28 4.61
C ILE A 13 3.85 -2.12 5.33
N ALA A 14 5.18 -2.15 5.32
CA ALA A 14 5.93 -0.98 5.76
C ALA A 14 5.74 0.20 4.83
N ILE A 15 5.71 1.40 5.41
CA ILE A 15 5.53 2.62 4.64
C ILE A 15 6.55 3.70 4.99
N ARG A 16 7.46 3.42 5.89
CA ARG A 16 8.57 4.34 6.19
C ARG A 16 9.65 3.51 6.88
N ASP A 17 10.81 4.15 7.04
CA ASP A 17 11.93 3.60 7.83
C ASP A 17 12.22 2.15 7.46
N PHE A 18 12.29 1.91 6.15
CA PHE A 18 12.32 0.57 5.61
C PHE A 18 13.54 -0.18 6.11
N GLN A 19 13.30 -1.43 6.49
CA GLN A 19 14.32 -2.32 7.01
CA GLN A 19 14.36 -2.30 6.98
C GLN A 19 14.38 -3.57 6.16
N VAL A 20 15.56 -4.20 6.13
CA VAL A 20 15.69 -5.48 5.45
C VAL A 20 14.63 -6.41 6.03
N GLY A 21 13.93 -7.12 5.16
CA GLY A 21 12.87 -8.03 5.55
C GLY A 21 11.48 -7.46 5.51
N ASP A 22 11.35 -6.14 5.41
CA ASP A 22 10.02 -5.51 5.37
C ASP A 22 9.26 -5.91 4.10
N LEU A 23 7.95 -6.07 4.26
CA LEU A 23 7.02 -6.15 3.16
C LEU A 23 6.70 -4.74 2.68
N VAL A 24 6.81 -4.51 1.38
CA VAL A 24 6.58 -3.22 0.80
C VAL A 24 5.73 -3.29 -0.45
N LEU A 25 5.11 -2.17 -0.74
CA LEU A 25 4.28 -2.01 -1.91
C LEU A 25 5.07 -1.22 -2.91
N ILE A 26 5.24 -1.76 -4.10
CA ILE A 26 6.06 -1.16 -5.14
C ILE A 26 5.16 -0.67 -6.25
N ILE A 27 5.36 0.59 -6.67
CA ILE A 27 4.51 1.23 -7.65
C ILE A 27 5.34 1.95 -8.68
N LEU A 28 4.82 2.09 -9.90
CA LEU A 28 5.51 2.87 -10.91
C LEU A 28 5.33 4.35 -10.67
N ASP A 29 6.46 5.09 -10.65
CA ASP A 29 6.52 6.54 -10.51
C ASP A 29 6.93 7.09 -11.87
N GLU A 30 5.95 7.49 -12.67
CA GLU A 30 6.27 7.85 -14.05
C GLU A 30 7.12 9.11 -14.10
N ARG A 31 6.90 10.04 -13.17
CA ARG A 31 7.71 11.26 -13.09
C ARG A 31 9.19 10.95 -12.94
N HIS A 32 9.52 9.96 -12.15
CA HIS A 32 10.93 9.59 -11.92
C HIS A 32 11.38 8.40 -12.74
N ASP A 33 10.57 7.95 -13.69
CA ASP A 33 10.98 6.89 -14.65
C ASP A 33 11.49 5.63 -13.95
N ASN A 34 10.83 5.25 -12.86
CA ASN A 34 11.28 4.15 -12.03
C ASN A 34 10.15 3.64 -11.16
N TYR A 35 10.29 2.38 -10.72
CA TYR A 35 9.44 1.86 -9.67
C TYR A 35 9.96 2.37 -8.36
N VAL A 36 9.04 2.68 -7.47
CA VAL A 36 9.39 3.19 -6.14
C VAL A 36 8.61 2.40 -5.08
N LEU A 37 9.12 2.45 -3.86
CA LEU A 37 8.36 1.97 -2.71
C LEU A 37 7.33 3.03 -2.29
N PHE A 38 6.07 2.57 -2.07
CA PHE A 38 5.08 3.41 -1.49
C PHE A 38 5.47 3.81 -0.09
N THR A 39 5.45 5.13 0.17
CA THR A 39 5.94 5.64 1.44
C THR A 39 5.18 6.89 1.79
N VAL A 40 5.08 7.14 3.10
CA VAL A 40 4.62 8.38 3.65
C VAL A 40 5.77 9.30 4.05
N SER A 41 7.02 8.87 3.78
N SER A 41 6.99 8.91 3.77
CA SER A 41 8.23 9.67 3.98
CA SER A 41 8.11 9.79 4.06
C SER A 41 8.46 10.59 2.79
C SER A 41 8.49 10.58 2.81
N PRO A 42 9.13 11.72 2.98
CA PRO A 42 9.49 12.56 1.81
C PRO A 42 10.64 12.00 1.01
N THR A 43 11.34 11.01 1.52
CA THR A 43 12.52 10.47 0.84
C THR A 43 12.13 9.44 -0.19
N LEU A 44 12.82 9.45 -1.32
CA LEU A 44 12.51 8.53 -2.41
C LEU A 44 13.27 7.22 -2.19
N TYR A 45 12.54 6.09 -2.34
CA TYR A 45 13.15 4.76 -2.28
C TYR A 45 12.86 4.09 -3.61
N PHE A 46 13.83 4.07 -4.47
CA PHE A 46 13.69 3.48 -5.79
C PHE A 46 13.93 2.01 -5.73
N LEU A 47 13.18 1.26 -6.53
CA LEU A 47 13.52 -0.15 -6.76
C LEU A 47 14.70 -0.27 -7.71
N HIS A 48 15.74 -0.95 -7.22
CA HIS A 48 16.92 -1.25 -7.99
C HIS A 48 16.59 -1.98 -9.28
N SER A 49 17.19 -1.55 -10.37
CA SER A 49 17.00 -2.23 -11.65
C SER A 49 17.21 -3.74 -11.57
N GLU A 50 18.14 -4.20 -10.72
CA GLU A 50 18.45 -5.62 -10.62
C GLU A 50 17.24 -6.41 -10.17
N SER A 51 16.31 -5.76 -9.50
CA SER A 51 15.19 -6.48 -8.90
C SER A 51 13.95 -6.54 -9.75
N LEU A 52 13.86 -5.82 -10.86
CA LEU A 52 12.59 -5.80 -11.58
C LEU A 52 12.20 -7.20 -12.01
N PRO A 53 13.07 -8.01 -12.60
CA PRO A 53 12.65 -9.36 -13.02
C PRO A 53 12.20 -10.23 -11.86
N ALA A 54 12.76 -10.09 -10.68
CA ALA A 54 12.42 -10.91 -9.54
C ALA A 54 10.95 -10.69 -9.17
N LEU A 55 10.44 -9.52 -9.48
CA LEU A 55 9.05 -9.13 -9.19
C LEU A 55 8.15 -9.22 -10.43
N ASP A 56 8.57 -9.92 -11.47
CA ASP A 56 7.85 -10.05 -12.71
C ASP A 56 7.54 -8.72 -13.38
N LEU A 57 8.50 -7.80 -13.31
CA LEU A 57 8.42 -6.48 -13.93
C LEU A 57 9.44 -6.39 -15.08
N LYS A 58 9.03 -5.68 -16.14
CA LYS A 58 9.85 -5.36 -17.31
C LYS A 58 9.67 -3.88 -17.66
N PRO A 59 10.75 -3.17 -18.01
CA PRO A 59 10.53 -1.79 -18.48
C PRO A 59 9.61 -1.71 -19.70
N TRP A 71 1.05 -2.16 -9.43
CA TRP A 71 1.83 -2.39 -8.21
C TRP A 71 2.21 -3.84 -8.01
N VAL A 72 3.17 -4.09 -7.13
CA VAL A 72 3.52 -5.43 -6.70
C VAL A 72 3.91 -5.37 -5.24
N LEU A 73 3.84 -6.49 -4.60
CA LEU A 73 4.37 -6.59 -3.25
C LEU A 73 5.74 -7.26 -3.30
N GLY A 74 6.64 -6.76 -2.48
CA GLY A 74 7.98 -7.31 -2.40
C GLY A 74 8.51 -7.28 -0.98
N LYS A 75 9.65 -7.96 -0.80
CA LYS A 75 10.34 -8.00 0.49
C LYS A 75 11.70 -7.32 0.30
N VAL A 76 12.03 -6.38 1.17
CA VAL A 76 13.30 -5.66 1.06
C VAL A 76 14.46 -6.58 1.38
N MET A 77 15.45 -6.60 0.49
CA MET A 77 16.64 -7.41 0.68
C MET A 77 17.84 -6.56 1.01
N GLU A 78 17.95 -5.41 0.37
CA GLU A 78 19.07 -4.51 0.59
C GLU A 78 18.62 -3.08 0.30
N LYS A 79 19.33 -2.12 0.90
CA LYS A 79 19.13 -0.72 0.57
CA LYS A 79 19.13 -0.72 0.61
C LYS A 79 20.48 -0.01 0.56
N GLU A 80 20.55 0.92 -0.33
CA GLU A 80 21.77 1.72 -0.56
C GLU A 80 21.37 3.20 -0.56
N TYR A 81 22.14 4.06 0.13
CA TYR A 81 21.89 5.48 0.11
C TYR A 81 22.75 6.12 -0.96
N CYS A 82 22.14 6.92 -1.82
CA CYS A 82 22.74 7.43 -3.03
C CYS A 82 22.51 8.94 -3.18
N GLN A 83 23.42 9.59 -3.93
CA GLN A 83 23.24 10.97 -4.32
C GLN A 83 23.39 11.09 -5.81
N ALA A 84 22.52 11.91 -6.44
CA ALA A 84 22.64 12.19 -7.86
C ALA A 84 23.83 13.12 -8.09
N LYS A 85 24.68 12.69 -9.00
CA LYS A 85 25.96 13.38 -9.27
C LYS A 85 25.96 14.05 -10.62
N LYS A 86 24.92 13.83 -11.40
CA LYS A 86 24.72 14.48 -12.68
C LYS A 86 23.30 15.00 -12.70
N ALA A 87 23.05 16.15 -13.30
CA ALA A 87 21.70 16.68 -13.34
C ALA A 87 20.78 15.83 -14.23
N GLN A 88 21.34 15.24 -15.27
CA GLN A 88 20.63 14.26 -16.10
C GLN A 88 21.02 12.88 -15.59
N ASN A 89 20.07 12.19 -14.97
CA ASN A 89 20.36 10.92 -14.32
C ASN A 89 19.16 10.02 -14.54
N ARG A 90 19.36 8.74 -14.22
CA ARG A 90 18.27 7.76 -14.43
C ARG A 90 17.03 8.01 -13.62
N PHE A 91 17.12 8.78 -12.54
CA PHE A 91 16.06 8.94 -11.57
C PHE A 91 15.28 10.24 -11.73
N LYS A 92 15.69 11.08 -12.69
CA LYS A 92 14.95 12.32 -12.99
C LYS A 92 14.82 13.16 -11.72
N VAL A 93 15.91 13.26 -10.95
CA VAL A 93 15.95 14.10 -9.76
C VAL A 93 17.01 15.17 -9.97
N PRO A 94 16.93 16.28 -9.23
CA PRO A 94 17.96 17.31 -9.33
C PRO A 94 19.32 16.80 -8.90
N LEU A 95 20.36 17.45 -9.42
CA LEU A 95 21.72 17.24 -8.92
C LEU A 95 21.73 17.37 -7.42
N GLY A 96 22.38 16.43 -6.76
CA GLY A 96 22.57 16.48 -5.33
C GLY A 96 21.45 15.86 -4.52
N THR A 97 20.34 15.48 -5.14
CA THR A 97 19.28 14.79 -4.42
C THR A 97 19.80 13.50 -3.82
N LYS A 98 19.41 13.25 -2.56
CA LYS A 98 19.74 12.03 -1.87
C LYS A 98 18.50 11.14 -1.81
N PHE A 99 18.72 9.86 -2.04
CA PHE A 99 17.63 8.89 -2.14
C PHE A 99 18.20 7.50 -1.89
N TYR A 100 17.28 6.55 -1.73
CA TYR A 100 17.70 5.17 -1.57
C TYR A 100 17.39 4.36 -2.82
N ARG A 101 18.21 3.33 -3.05
CA ARG A 101 17.88 2.29 -4.01
C ARG A 101 17.74 1.00 -3.22
N VAL A 102 16.64 0.28 -3.46
CA VAL A 102 16.25 -0.91 -2.70
C VAL A 102 16.29 -2.09 -3.64
N LYS A 103 16.95 -3.14 -3.21
CA LYS A 103 16.81 -4.48 -3.82
C LYS A 103 15.70 -5.22 -3.11
N ALA A 104 14.82 -5.85 -3.88
CA ALA A 104 13.70 -6.56 -3.27
C ALA A 104 13.51 -7.89 -3.98
N VAL A 105 12.95 -8.85 -3.24
CA VAL A 105 12.60 -10.12 -3.79
C VAL A 105 11.09 -10.30 -3.69
N SER A 106 10.62 -11.35 -4.32
N SER A 106 10.62 -11.40 -4.27
CA SER A 106 9.21 -11.67 -4.23
CA SER A 106 9.20 -11.70 -4.24
C SER A 106 8.83 -11.88 -2.77
C SER A 106 8.75 -12.10 -2.84
N TRP A 107 7.58 -11.63 -2.46
CA TRP A 107 7.05 -12.02 -1.17
C TRP A 107 6.71 -13.51 -1.17
N GLN B 6 27.36 1.86 -15.13
CA GLN B 6 25.97 2.30 -15.21
C GLN B 6 25.59 3.20 -14.03
N ASP B 7 26.39 3.19 -12.96
CA ASP B 7 26.14 3.92 -11.72
C ASP B 7 26.91 5.23 -11.51
N ASP B 8 27.19 5.75 -12.64
CA ASP B 8 27.78 6.99 -13.03
C ASP B 8 26.97 8.31 -12.79
N ASP B 9 25.69 8.21 -12.76
CA ASP B 9 24.98 9.40 -12.47
C ASP B 9 24.81 9.51 -10.98
N ILE B 10 25.27 8.55 -10.19
CA ILE B 10 25.05 8.57 -8.76
C ILE B 10 26.27 8.08 -8.00
N GLU B 11 26.32 8.39 -6.73
CA GLU B 11 27.36 7.89 -5.91
C GLU B 11 26.73 7.38 -4.65
N VAL B 12 27.23 6.26 -4.16
CA VAL B 12 26.72 5.67 -2.93
C VAL B 12 27.37 6.38 -1.78
N ILE B 13 26.59 6.82 -0.82
CA ILE B 13 27.11 7.54 0.33
C ILE B 13 26.92 6.70 1.58
N VAL B 14 27.96 6.67 2.40
CA VAL B 14 28.08 5.75 3.52
C VAL B 14 28.64 6.49 4.74
N GLY C 3 8.37 12.86 15.53
CA GLY C 3 8.71 11.45 15.14
C GLY C 3 9.10 11.31 13.68
N SER C 4 10.12 12.08 13.26
CA SER C 4 10.63 12.05 11.89
C SER C 4 11.89 11.22 11.73
N GLU C 5 12.66 11.03 12.80
CA GLU C 5 13.87 10.23 12.74
C GLU C 5 13.49 8.74 12.62
N PHE C 6 14.53 7.90 12.45
CA PHE C 6 14.29 6.47 12.31
C PHE C 6 13.59 5.90 13.55
N SER C 7 12.60 5.05 13.27
CA SER C 7 11.69 4.55 14.28
C SER C 7 11.37 3.09 13.96
N ARG C 8 11.18 2.31 15.02
CA ARG C 8 10.94 0.88 14.88
C ARG C 8 9.48 0.50 14.99
N HIS C 9 8.64 1.32 15.62
CA HIS C 9 7.26 0.91 15.89
C HIS C 9 6.24 1.74 15.14
N SER C 10 6.62 2.29 13.99
CA SER C 10 5.64 2.93 13.09
C SER C 10 4.53 1.98 12.67
N GLU C 11 3.35 2.56 12.46
CA GLU C 11 2.23 1.79 11.93
C GLU C 11 2.53 1.28 10.53
N LYS C 12 2.00 0.12 10.23
CA LYS C 12 2.14 -0.52 8.94
C LYS C 12 0.72 -0.79 8.43
N ILE C 13 0.58 -1.00 7.12
CA ILE C 13 -0.74 -1.11 6.50
C ILE C 13 -1.12 -2.58 6.55
N ALA C 14 -2.30 -2.84 7.13
CA ALA C 14 -2.95 -4.16 7.07
C ALA C 14 -3.43 -4.52 5.67
N ILE C 15 -3.39 -5.81 5.34
CA ILE C 15 -3.70 -6.26 3.99
C ILE C 15 -4.69 -7.43 4.00
N ARG C 16 -4.99 -7.98 5.18
CA ARG C 16 -6.02 -9.00 5.29
C ARG C 16 -6.46 -9.13 6.75
N ASP C 17 -7.49 -9.94 6.98
CA ASP C 17 -8.00 -10.21 8.34
C ASP C 17 -8.02 -8.92 9.16
N PHE C 18 -8.78 -7.97 8.67
CA PHE C 18 -8.71 -6.60 9.20
C PHE C 18 -9.33 -6.51 10.59
N GLN C 19 -8.67 -5.77 11.47
CA GLN C 19 -9.06 -5.60 12.85
C GLN C 19 -9.29 -4.13 13.16
N VAL C 20 -10.19 -3.88 14.12
CA VAL C 20 -10.38 -2.53 14.62
C VAL C 20 -9.02 -1.93 14.94
N GLY C 21 -8.77 -0.71 14.45
CA GLY C 21 -7.51 -0.02 14.71
C GLY C 21 -6.46 -0.15 13.62
N ASP C 22 -6.63 -1.11 12.71
CA ASP C 22 -5.69 -1.30 11.63
C ASP C 22 -5.64 -0.09 10.72
N LEU C 23 -4.43 0.28 10.34
CA LEU C 23 -4.21 1.24 9.29
C LEU C 23 -4.43 0.53 7.97
N VAL C 24 -5.20 1.16 7.09
CA VAL C 24 -5.56 0.54 5.82
C VAL C 24 -5.46 1.56 4.69
N LEU C 25 -5.23 1.05 3.49
CA LEU C 25 -5.21 1.81 2.27
C LEU C 25 -6.53 1.63 1.58
N ILE C 26 -7.21 2.75 1.36
CA ILE C 26 -8.57 2.78 0.82
C ILE C 26 -8.47 3.31 -0.61
N ILE C 27 -9.00 2.56 -1.55
CA ILE C 27 -8.81 2.81 -2.97
C ILE C 27 -10.16 2.71 -3.67
N LEU C 28 -10.30 3.40 -4.80
CA LEU C 28 -11.53 3.29 -5.57
C LEU C 28 -11.50 2.02 -6.41
N ASP C 29 -12.56 1.20 -6.29
CA ASP C 29 -12.72 0.00 -7.10
C ASP C 29 -13.65 0.35 -8.25
N GLU C 30 -13.09 0.38 -9.47
CA GLU C 30 -13.84 0.88 -10.62
C GLU C 30 -15.07 0.03 -10.90
N ARG C 31 -14.91 -1.29 -10.93
CA ARG C 31 -16.00 -2.16 -11.36
CA ARG C 31 -16.01 -2.16 -11.36
C ARG C 31 -17.15 -2.21 -10.36
N HIS C 32 -16.98 -1.67 -9.16
CA HIS C 32 -18.05 -1.64 -8.17
C HIS C 32 -18.47 -0.24 -7.78
N ASP C 33 -17.87 0.81 -8.38
CA ASP C 33 -18.19 2.21 -8.10
C ASP C 33 -18.25 2.45 -6.60
N ASN C 34 -17.21 1.99 -5.90
CA ASN C 34 -17.20 2.05 -4.45
C ASN C 34 -15.77 2.02 -4.01
N TYR C 35 -15.51 2.63 -2.85
CA TYR C 35 -14.19 2.51 -2.25
C TYR C 35 -14.09 1.17 -1.55
N VAL C 36 -12.87 0.61 -1.59
CA VAL C 36 -12.59 -0.69 -1.00
C VAL C 36 -11.26 -0.59 -0.28
N LEU C 37 -11.06 -1.52 0.66
CA LEU C 37 -9.72 -1.69 1.23
C LEU C 37 -8.83 -2.42 0.27
N PHE C 38 -7.59 -1.91 0.16
CA PHE C 38 -6.56 -2.68 -0.49
C PHE C 38 -6.31 -3.94 0.31
N THR C 39 -6.34 -5.10 -0.37
CA THR C 39 -6.22 -6.35 0.35
C THR C 39 -5.66 -7.41 -0.57
N VAL C 40 -5.02 -8.41 0.01
CA VAL C 40 -4.61 -9.58 -0.74
C VAL C 40 -5.62 -10.70 -0.60
N SER C 41 -6.65 -10.48 0.18
CA SER C 41 -7.77 -11.44 0.33
C SER C 41 -8.57 -11.50 -0.95
N PRO C 42 -9.20 -12.67 -1.23
CA PRO C 42 -10.19 -12.74 -2.29
C PRO C 42 -11.49 -12.08 -1.92
N THR C 43 -11.70 -11.81 -0.66
CA THR C 43 -12.93 -11.20 -0.20
C THR C 43 -12.94 -9.69 -0.41
N LEU C 44 -14.06 -9.15 -0.83
CA LEU C 44 -14.24 -7.74 -0.98
C LEU C 44 -14.47 -7.09 0.37
N TYR C 45 -13.79 -5.96 0.62
CA TYR C 45 -13.99 -5.17 1.83
C TYR C 45 -14.43 -3.80 1.38
N PHE C 46 -15.71 -3.50 1.35
CA PHE C 46 -16.20 -2.22 0.91
C PHE C 46 -16.20 -1.21 2.03
N LEU C 47 -15.90 0.05 1.70
CA LEU C 47 -16.02 1.11 2.66
C LEU C 47 -17.49 1.41 2.88
N HIS C 48 -17.89 1.48 4.15
CA HIS C 48 -19.22 1.96 4.51
C HIS C 48 -19.46 3.38 3.99
N SER C 49 -20.65 3.64 3.44
CA SER C 49 -20.96 4.99 2.99
C SER C 49 -20.87 6.02 4.10
N GLU C 50 -21.16 5.63 5.35
CA GLU C 50 -21.14 6.59 6.44
C GLU C 50 -19.76 7.19 6.65
N SER C 51 -18.73 6.52 6.16
CA SER C 51 -17.33 6.88 6.45
C SER C 51 -16.73 7.84 5.44
N LEU C 52 -17.32 8.01 4.26
CA LEU C 52 -16.63 8.82 3.26
C LEU C 52 -16.41 10.25 3.72
N PRO C 53 -17.36 10.92 4.36
CA PRO C 53 -17.08 12.29 4.78
C PRO C 53 -15.92 12.41 5.75
N ALA C 54 -15.76 11.45 6.66
CA ALA C 54 -14.62 11.48 7.56
C ALA C 54 -13.30 11.25 6.84
N LEU C 55 -13.33 10.77 5.59
CA LEU C 55 -12.12 10.53 4.82
C LEU C 55 -11.90 11.54 3.70
N ASP C 56 -12.75 12.56 3.58
CA ASP C 56 -12.64 13.55 2.51
C ASP C 56 -12.87 12.93 1.14
N LEU C 57 -13.78 11.95 1.07
CA LEU C 57 -14.03 11.21 -0.15
C LEU C 57 -15.41 11.51 -0.70
N LYS C 58 -15.50 11.53 -2.02
CA LYS C 58 -16.75 11.55 -2.76
C LYS C 58 -16.66 10.48 -3.84
N PRO C 59 -17.74 9.76 -4.15
CA PRO C 59 -17.71 8.74 -5.20
C PRO C 59 -16.82 9.10 -6.40
N ARG C 69 -8.54 11.61 -4.54
CA ARG C 69 -9.61 10.63 -4.60
C ARG C 69 -9.09 9.20 -4.81
N PRO C 70 -8.09 9.02 -5.72
CA PRO C 70 -7.49 7.70 -5.89
C PRO C 70 -7.38 6.84 -4.64
N TRP C 71 -6.64 7.32 -3.64
CA TRP C 71 -6.38 6.55 -2.42
C TRP C 71 -6.25 7.48 -1.22
N VAL C 72 -6.57 6.92 -0.05
CA VAL C 72 -6.34 7.58 1.23
C VAL C 72 -5.96 6.48 2.22
N LEU C 73 -5.41 6.91 3.35
CA LEU C 73 -5.13 6.05 4.48
C LEU C 73 -6.18 6.28 5.53
N GLY C 74 -6.71 5.19 6.08
CA GLY C 74 -7.65 5.30 7.17
C GLY C 74 -7.34 4.30 8.27
N LYS C 75 -8.19 4.31 9.30
CA LYS C 75 -8.12 3.37 10.40
C LYS C 75 -9.47 2.65 10.49
N VAL C 76 -9.42 1.34 10.65
CA VAL C 76 -10.66 0.55 10.71
C VAL C 76 -11.35 0.78 12.03
N MET C 77 -12.66 1.04 11.95
CA MET C 77 -13.49 1.27 13.13
C MET C 77 -14.45 0.12 13.38
N GLU C 78 -14.94 -0.50 12.34
CA GLU C 78 -15.94 -1.59 12.45
C GLU C 78 -15.93 -2.40 11.18
N LYS C 79 -16.25 -3.70 11.29
CA LYS C 79 -16.45 -4.47 10.08
C LYS C 79 -17.63 -5.40 10.30
N GLU C 80 -18.46 -5.46 9.27
CA GLU C 80 -19.67 -6.28 9.24
C GLU C 80 -19.57 -7.21 8.07
N TYR C 81 -19.91 -8.50 8.28
CA TYR C 81 -19.95 -9.48 7.21
C TYR C 81 -21.36 -9.49 6.64
N CYS C 82 -21.45 -9.38 5.31
CA CYS C 82 -22.71 -9.10 4.65
C CYS C 82 -22.92 -10.04 3.48
N GLN C 83 -24.19 -10.14 3.04
CA GLN C 83 -24.54 -10.88 1.84
C GLN C 83 -25.41 -9.99 0.94
N ALA C 84 -25.19 -10.08 -0.38
CA ALA C 84 -26.12 -9.40 -1.31
C ALA C 84 -27.40 -10.20 -1.39
N LYS C 85 -28.51 -9.55 -1.11
CA LYS C 85 -29.84 -10.17 -1.17
C LYS C 85 -30.61 -9.91 -2.47
N LYS C 86 -30.15 -8.98 -3.30
CA LYS C 86 -30.76 -8.63 -4.58
C LYS C 86 -29.68 -8.61 -5.65
N ALA C 87 -30.07 -8.97 -6.89
CA ALA C 87 -29.10 -8.88 -7.98
C ALA C 87 -28.65 -7.44 -8.22
N GLN C 88 -29.57 -6.48 -8.12
CA GLN C 88 -29.26 -5.05 -8.18
C GLN C 88 -29.02 -4.56 -6.74
N ASN C 89 -27.79 -4.19 -6.42
CA ASN C 89 -27.49 -3.77 -5.08
C ASN C 89 -26.43 -2.67 -5.15
N ARG C 90 -26.17 -2.04 -4.00
CA ARG C 90 -25.37 -0.84 -3.99
C ARG C 90 -23.91 -1.10 -4.34
N PHE C 91 -23.47 -2.34 -4.30
CA PHE C 91 -22.07 -2.70 -4.49
C PHE C 91 -21.81 -3.36 -5.85
N LYS C 92 -22.84 -3.48 -6.67
CA LYS C 92 -22.74 -4.09 -8.01
C LYS C 92 -22.13 -5.48 -7.93
N VAL C 93 -22.49 -6.25 -6.91
CA VAL C 93 -22.02 -7.62 -6.81
C VAL C 93 -23.14 -8.59 -7.18
N PRO C 94 -22.80 -9.81 -7.59
CA PRO C 94 -23.84 -10.77 -7.91
C PRO C 94 -24.66 -11.13 -6.67
N LEU C 95 -25.92 -11.50 -6.94
CA LEU C 95 -26.78 -12.06 -5.91
C LEU C 95 -26.03 -13.11 -5.11
N GLY C 96 -26.17 -13.05 -3.78
CA GLY C 96 -25.58 -14.03 -2.92
C GLY C 96 -24.12 -13.81 -2.57
N THR C 97 -23.45 -12.81 -3.17
CA THR C 97 -22.06 -12.53 -2.82
C THR C 97 -21.95 -12.20 -1.35
N LYS C 98 -20.91 -12.77 -0.70
CA LYS C 98 -20.56 -12.41 0.65
C LYS C 98 -19.40 -11.44 0.59
N PHE C 99 -19.43 -10.48 1.49
CA PHE C 99 -18.38 -9.46 1.54
C PHE C 99 -18.41 -8.81 2.90
N TYR C 100 -17.40 -7.95 3.13
CA TYR C 100 -17.41 -7.11 4.32
C TYR C 100 -17.69 -5.67 3.99
N ARG C 101 -18.34 -5.02 4.92
CA ARG C 101 -18.50 -3.56 4.88
C ARG C 101 -17.75 -2.99 6.07
N VAL C 102 -16.88 -2.01 5.83
CA VAL C 102 -15.95 -1.52 6.83
C VAL C 102 -16.20 -0.03 7.05
N LYS C 103 -16.40 0.36 8.30
CA LYS C 103 -16.34 1.76 8.70
C LYS C 103 -14.91 2.12 9.01
N ALA C 104 -14.51 3.32 8.61
CA ALA C 104 -13.15 3.77 8.86
C ALA C 104 -13.15 5.26 9.12
N VAL C 105 -12.10 5.71 9.77
CA VAL C 105 -11.85 7.12 10.01
C VAL C 105 -10.47 7.45 9.47
N SER C 106 -10.12 8.73 9.52
CA SER C 106 -8.82 9.18 8.98
C SER C 106 -7.67 8.57 9.78
N TRP C 107 -6.51 8.45 9.10
CA TRP C 107 -5.35 7.83 9.72
C TRP C 107 -4.89 8.55 10.97
N ASN C 108 -5.31 9.80 11.19
CA ASN C 108 -4.78 10.63 12.28
C ASN C 108 -5.62 10.53 13.54
N LYS C 109 -6.46 9.48 13.65
CA LYS C 109 -7.21 9.20 14.87
C LYS C 109 -6.57 8.04 15.63
N LYS C 110 -6.58 8.14 16.96
CA LYS C 110 -5.98 7.12 17.82
C LYS C 110 -7.03 6.51 18.73
N ASP D 8 -32.58 -2.93 1.90
CA ASP D 8 -32.73 -4.36 1.98
C ASP D 8 -32.04 -5.08 0.82
N ASP D 9 -31.17 -4.38 0.09
CA ASP D 9 -30.39 -4.98 -0.97
C ASP D 9 -29.28 -5.88 -0.44
N ILE D 10 -28.85 -5.61 0.77
CA ILE D 10 -27.83 -6.37 1.41
C ILE D 10 -28.27 -6.69 2.81
N GLU D 11 -27.66 -7.70 3.38
CA GLU D 11 -27.99 -8.12 4.70
C GLU D 11 -26.76 -8.35 5.56
N VAL D 12 -26.80 -7.91 6.79
CA VAL D 12 -25.68 -8.15 7.70
C VAL D 12 -25.84 -9.54 8.31
N ILE D 13 -24.83 -10.37 8.15
CA ILE D 13 -24.83 -11.69 8.75
C ILE D 13 -24.34 -11.62 10.20
N VAL D 14 -23.13 -11.08 10.40
CA VAL D 14 -22.59 -10.91 11.74
C VAL D 14 -21.94 -9.54 11.80
N ASP D 15 -22.17 -8.83 12.91
CA ASP D 15 -21.57 -7.52 13.14
C ASP D 15 -20.47 -7.63 14.18
#